data_4J26
#
_entry.id   4J26
#
_cell.length_a   62.630
_cell.length_b   62.630
_cell.length_c   125.670
_cell.angle_alpha   90.00
_cell.angle_beta   90.00
_cell.angle_gamma   120.00
#
_symmetry.space_group_name_H-M   'P 32'
#
loop_
_entity.id
_entity.type
_entity.pdbx_description
1 polymer 'Estrogen receptor beta'
2 polymer '12-mer Peptide'
3 non-polymer ESTRADIOL
4 water water
#
loop_
_entity_poly.entity_id
_entity_poly.type
_entity_poly.pdbx_seq_one_letter_code
_entity_poly.pdbx_strand_id
1 'polypeptide(L)'
;DALSPEQLVLTLLEAEPPHVLISRPSAPFTEASMMMSLTKLADKELVHMISWAKKIPGFVELSLFDQVRLLESCWMEVLM
MGLMWRSIDHPGKLIFAPDLVLDRDEGKCVEGILEIFDMLLATTSRFRELKLQHKEYLCVKAMILLNSSMYPLVTATQDA
DSSRKLAHLLNAVTDALVWVIAKSGISSQQQSMRLANLLMLLSHVRHASNKGMEHLLNMKCKNVVPVYDLLLEMLNAHVL
;
A,B
2 'polypeptide(L)' HPLLMRLLHHPS I,J
#
# COMPACT_ATOMS: atom_id res chain seq x y z
N ASP A 1 -15.99 -6.53 25.41
CA ASP A 1 -16.79 -5.31 25.80
C ASP A 1 -15.95 -4.02 25.76
N ALA A 2 -14.70 -4.10 26.22
CA ALA A 2 -13.71 -3.03 26.01
C ALA A 2 -13.45 -2.80 24.52
N LEU A 3 -13.61 -3.87 23.73
CA LEU A 3 -13.62 -3.80 22.28
C LEU A 3 -15.04 -3.99 21.70
N SER A 4 -16.10 -3.35 22.23
CA SER A 4 -17.29 -3.22 21.38
C SER A 4 -16.95 -2.06 20.41
N PRO A 5 -17.55 -2.04 19.20
CA PRO A 5 -17.28 -0.98 18.23
C PRO A 5 -17.38 0.44 18.80
N GLU A 6 -18.46 0.72 19.52
CA GLU A 6 -18.69 2.05 20.12
C GLU A 6 -17.68 2.40 21.21
N GLN A 7 -17.43 1.45 22.12
CA GLN A 7 -16.42 1.61 23.17
C GLN A 7 -15.00 1.77 22.60
N LEU A 8 -14.68 1.02 21.54
N LEU A 8 -14.68 1.02 21.54
CA LEU A 8 -13.38 1.10 20.88
CA LEU A 8 -13.38 1.10 20.88
C LEU A 8 -13.14 2.46 20.20
C LEU A 8 -13.15 2.45 20.19
N VAL A 9 -14.15 2.94 19.47
CA VAL A 9 -14.13 4.29 18.85
C VAL A 9 -13.92 5.40 19.91
N LEU A 10 -14.62 5.28 21.03
CA LEU A 10 -14.50 6.22 22.16
C LEU A 10 -13.09 6.22 22.77
N THR A 11 -12.51 5.03 22.92
CA THR A 11 -11.12 4.87 23.39
C THR A 11 -10.13 5.50 22.41
N LEU A 12 -10.30 5.26 21.12
CA LEU A 12 -9.48 5.90 20.07
C LEU A 12 -9.63 7.42 20.06
N LEU A 13 -10.87 7.89 20.24
CA LEU A 13 -11.15 9.34 20.33
C LEU A 13 -10.40 10.00 21.50
N GLU A 14 -10.53 9.41 22.69
CA GLU A 14 -9.80 9.84 23.90
C GLU A 14 -8.27 9.67 23.78
N ALA A 15 -7.84 8.66 23.02
CA ALA A 15 -6.40 8.38 22.80
C ALA A 15 -5.70 9.37 21.87
N GLU A 16 -6.45 10.20 21.13
CA GLU A 16 -5.88 11.15 20.16
C GLU A 16 -4.76 12.00 20.79
N PRO A 17 -3.61 12.12 20.11
CA PRO A 17 -2.54 12.94 20.66
C PRO A 17 -2.92 14.43 20.69
N PRO A 18 -2.31 15.21 21.61
CA PRO A 18 -2.61 16.63 21.64
C PRO A 18 -2.02 17.38 20.45
N HIS A 19 -2.52 18.59 20.20
CA HIS A 19 -2.03 19.42 19.09
C HIS A 19 -0.59 19.81 19.42
N VAL A 20 0.35 19.47 18.53
CA VAL A 20 1.76 19.86 18.70
C VAL A 20 1.88 21.30 18.22
N LEU A 21 1.90 22.24 19.17
CA LEU A 21 1.96 23.66 18.86
C LEU A 21 3.40 24.05 18.49
N ILE A 22 3.60 24.37 17.21
CA ILE A 22 4.87 24.88 16.67
C ILE A 22 4.54 26.03 15.72
N SER A 23 5.43 27.02 15.67
CA SER A 23 5.23 28.23 14.85
C SER A 23 6.22 28.29 13.70
N ARG A 24 5.91 29.18 12.76
CA ARG A 24 6.83 29.53 11.67
C ARG A 24 8.02 30.30 12.23
N PRO A 25 9.20 30.21 11.57
CA PRO A 25 10.27 31.16 11.87
C PRO A 25 9.86 32.60 11.52
N SER A 26 10.37 33.56 12.28
CA SER A 26 10.19 34.99 11.97
C SER A 26 10.70 35.32 10.56
N ALA A 27 11.88 34.77 10.23
CA ALA A 27 12.44 34.82 8.89
C ALA A 27 11.62 34.01 7.88
N PRO A 28 11.70 34.37 6.57
CA PRO A 28 11.09 33.52 5.54
C PRO A 28 11.81 32.18 5.40
N PHE A 29 11.06 31.16 4.99
CA PHE A 29 11.59 29.78 4.93
C PHE A 29 12.73 29.61 3.91
N THR A 30 13.83 29.03 4.38
CA THR A 30 14.90 28.50 3.54
C THR A 30 14.74 26.97 3.49
N GLU A 31 15.49 26.31 2.62
CA GLU A 31 15.55 24.83 2.58
C GLU A 31 15.87 24.24 3.96
N ALA A 32 16.88 24.81 4.60
CA ALA A 32 17.35 24.37 5.93
C ALA A 32 16.29 24.51 7.03
N SER A 33 15.70 25.70 7.14
CA SER A 33 14.77 26.02 8.25
C SER A 33 13.37 25.41 8.09
N MET A 34 12.93 25.19 6.85
CA MET A 34 11.69 24.44 6.59
C MET A 34 11.87 22.99 7.04
N MET A 35 12.95 22.37 6.58
CA MET A 35 13.30 20.98 6.98
C MET A 35 13.50 20.84 8.48
N MET A 36 14.14 21.83 9.10
CA MET A 36 14.32 21.86 10.56
C MET A 36 12.97 21.94 11.28
N SER A 37 12.08 22.80 10.80
CA SER A 37 10.70 22.90 11.33
C SER A 37 9.91 21.59 11.18
N LEU A 38 9.98 20.99 10.00
CA LEU A 38 9.24 19.75 9.70
C LEU A 38 9.77 18.53 10.46
N THR A 39 11.09 18.38 10.56
CA THR A 39 11.72 17.28 11.30
C THR A 39 11.57 17.43 12.82
N LYS A 40 11.69 18.66 13.33
CA LYS A 40 11.42 18.98 14.74
C LYS A 40 9.96 18.62 15.11
N LEU A 41 9.02 19.03 14.25
CA LEU A 41 7.61 18.66 14.41
C LEU A 41 7.40 17.14 14.41
N ALA A 42 7.98 16.47 13.41
CA ALA A 42 7.86 15.01 13.24
C ALA A 42 8.36 14.24 14.46
N ASP A 43 9.53 14.63 14.95
CA ASP A 43 10.12 14.03 16.18
C ASP A 43 9.19 14.17 17.39
N LYS A 44 8.66 15.38 17.60
CA LYS A 44 7.65 15.65 18.65
C LYS A 44 6.39 14.79 18.49
N GLU A 45 5.90 14.70 17.26
CA GLU A 45 4.76 13.82 16.94
C GLU A 45 5.08 12.33 17.09
N LEU A 46 6.35 11.96 16.86
CA LEU A 46 6.82 10.59 17.06
C LEU A 46 6.72 10.18 18.54
N VAL A 47 7.14 11.09 19.43
CA VAL A 47 6.97 10.92 20.89
C VAL A 47 5.51 10.63 21.23
N HIS A 48 4.60 11.46 20.72
CA HIS A 48 3.16 11.33 20.97
C HIS A 48 2.50 10.12 20.30
N MET A 49 3.02 9.73 19.13
CA MET A 49 2.55 8.52 18.43
C MET A 49 2.71 7.26 19.27
N ILE A 50 3.84 7.14 19.97
CA ILE A 50 4.12 5.97 20.81
C ILE A 50 3.12 5.91 21.97
N SER A 51 2.88 7.04 22.62
CA SER A 51 1.85 7.16 23.67
C SER A 51 0.45 6.83 23.15
N TRP A 52 0.10 7.34 21.98
CA TRP A 52 -1.17 7.03 21.30
C TRP A 52 -1.35 5.52 21.08
N ALA A 53 -0.30 4.89 20.54
CA ALA A 53 -0.30 3.44 20.27
C ALA A 53 -0.49 2.60 21.53
N LYS A 54 0.16 3.02 22.63
CA LYS A 54 0.02 2.36 23.93
C LYS A 54 -1.40 2.41 24.52
N LYS A 55 -2.22 3.37 24.09
CA LYS A 55 -3.63 3.51 24.51
C LYS A 55 -4.64 2.70 23.67
N ILE A 56 -4.21 2.17 22.51
CA ILE A 56 -5.07 1.29 21.70
C ILE A 56 -5.20 -0.03 22.47
N PRO A 57 -6.44 -0.43 22.85
CA PRO A 57 -6.63 -1.63 23.69
C PRO A 57 -5.96 -2.87 23.11
N GLY A 58 -5.11 -3.52 23.91
CA GLY A 58 -4.39 -4.73 23.49
C GLY A 58 -3.03 -4.54 22.84
N PHE A 59 -2.64 -3.30 22.52
CA PHE A 59 -1.35 -3.02 21.86
C PHE A 59 -0.16 -3.35 22.76
N VAL A 60 -0.23 -2.93 24.02
CA VAL A 60 0.82 -3.25 25.02
C VAL A 60 0.87 -4.76 25.36
N GLU A 61 -0.24 -5.46 25.16
CA GLU A 61 -0.31 -6.93 25.31
C GLU A 61 0.41 -7.69 24.21
N LEU A 62 0.62 -7.05 23.06
CA LEU A 62 1.42 -7.63 21.96
C LEU A 62 2.86 -7.83 22.41
N SER A 63 3.55 -8.74 21.73
CA SER A 63 4.98 -8.94 21.97
C SER A 63 5.72 -7.62 21.74
N LEU A 64 6.74 -7.38 22.55
CA LEU A 64 7.58 -6.18 22.42
C LEU A 64 8.19 -6.05 21.01
N PHE A 65 8.60 -7.20 20.46
CA PHE A 65 9.06 -7.30 19.06
C PHE A 65 8.03 -6.77 18.05
N ASP A 66 6.76 -7.13 18.22
CA ASP A 66 5.68 -6.65 17.35
C ASP A 66 5.40 -5.16 17.51
N GLN A 67 5.35 -4.68 18.76
CA GLN A 67 5.13 -3.25 19.06
C GLN A 67 6.18 -2.37 18.37
N VAL A 68 7.44 -2.80 18.42
CA VAL A 68 8.56 -2.09 17.77
C VAL A 68 8.41 -2.05 16.26
N ARG A 69 8.26 -3.23 15.65
CA ARG A 69 8.28 -3.35 14.19
C ARG A 69 7.07 -2.68 13.52
N LEU A 70 5.91 -2.70 14.21
CA LEU A 70 4.70 -2.03 13.72
C LEU A 70 4.87 -0.51 13.66
N LEU A 71 5.39 0.07 14.74
CA LEU A 71 5.65 1.52 14.81
C LEU A 71 6.76 1.94 13.83
N GLU A 72 7.83 1.17 13.80
CA GLU A 72 8.93 1.34 12.81
C GLU A 72 8.44 1.33 11.36
N SER A 73 7.50 0.44 11.06
CA SER A 73 6.97 0.24 9.71
C SER A 73 6.00 1.33 9.25
N CYS A 74 5.19 1.85 10.17
CA CYS A 74 4.03 2.70 9.84
C CYS A 74 4.15 4.20 10.12
N TRP A 75 5.18 4.61 10.88
CA TRP A 75 5.18 5.96 11.49
C TRP A 75 5.01 7.11 10.49
N MET A 76 5.74 7.07 9.38
CA MET A 76 5.63 8.11 8.35
C MET A 76 4.21 8.19 7.80
N GLU A 77 3.60 7.03 7.53
CA GLU A 77 2.23 6.97 6.99
C GLU A 77 1.19 7.51 7.97
N VAL A 78 1.31 7.13 9.25
CA VAL A 78 0.46 7.65 10.32
C VAL A 78 0.59 9.18 10.44
N LEU A 79 1.84 9.66 10.40
CA LEU A 79 2.17 11.10 10.41
C LEU A 79 1.46 11.82 9.25
N MET A 80 1.55 11.23 8.06
CA MET A 80 0.89 11.77 6.88
C MET A 80 -0.64 11.68 6.94
N MET A 81 -1.16 10.58 7.47
CA MET A 81 -2.61 10.45 7.71
C MET A 81 -3.15 11.55 8.65
N GLY A 82 -2.39 11.82 9.70
CA GLY A 82 -2.71 12.92 10.63
C GLY A 82 -2.71 14.29 9.96
N LEU A 83 -1.68 14.55 9.15
CA LEU A 83 -1.57 15.79 8.36
C LEU A 83 -2.77 16.02 7.42
N MET A 84 -3.17 14.97 6.71
CA MET A 84 -4.28 15.07 5.75
C MET A 84 -5.62 15.37 6.44
N TRP A 85 -5.86 14.72 7.59
CA TRP A 85 -7.04 15.01 8.40
C TRP A 85 -7.08 16.47 8.87
N ARG A 86 -5.97 16.94 9.43
CA ARG A 86 -5.83 18.36 9.82
C ARG A 86 -6.03 19.33 8.64
N SER A 87 -5.62 18.91 7.44
CA SER A 87 -5.71 19.73 6.22
C SER A 87 -6.98 19.53 5.38
N ILE A 88 -7.87 18.60 5.79
CA ILE A 88 -9.01 18.16 4.95
C ILE A 88 -9.97 19.28 4.51
N ASP A 89 -10.23 20.24 5.41
CA ASP A 89 -11.14 21.37 5.13
C ASP A 89 -10.43 22.65 4.64
N HIS A 90 -9.19 22.51 4.15
CA HIS A 90 -8.37 23.67 3.74
C HIS A 90 -7.62 23.41 2.42
N PRO A 91 -8.35 23.49 1.29
CA PRO A 91 -7.77 23.24 -0.05
C PRO A 91 -6.55 24.11 -0.39
N GLY A 92 -5.52 23.50 -0.97
CA GLY A 92 -4.28 24.18 -1.33
C GLY A 92 -3.24 24.32 -0.21
N LYS A 93 -3.59 23.91 1.01
CA LYS A 93 -2.73 24.10 2.20
C LYS A 93 -2.46 22.80 2.96
N LEU A 94 -1.32 22.76 3.63
CA LEU A 94 -0.95 21.66 4.52
C LEU A 94 -0.80 22.18 5.96
N ILE A 95 -1.74 21.79 6.82
CA ILE A 95 -1.76 22.22 8.23
C ILE A 95 -0.91 21.23 9.03
N PHE A 96 0.39 21.43 8.94
CA PHE A 96 1.38 20.67 9.72
C PHE A 96 1.16 20.84 11.23
N ALA A 97 0.95 22.08 11.64
CA ALA A 97 0.50 22.43 12.99
C ALA A 97 -0.47 23.63 12.93
N PRO A 98 -1.22 23.92 14.03
CA PRO A 98 -2.14 25.08 14.05
C PRO A 98 -1.52 26.43 13.67
N ASP A 99 -0.28 26.66 14.12
CA ASP A 99 0.50 27.86 13.76
C ASP A 99 1.51 27.62 12.61
N LEU A 100 1.71 26.37 12.20
CA LEU A 100 2.52 26.02 11.02
C LEU A 100 1.65 25.55 9.84
N VAL A 101 1.18 26.53 9.06
CA VAL A 101 0.31 26.31 7.90
C VAL A 101 1.07 26.71 6.64
N LEU A 102 1.39 25.72 5.80
CA LEU A 102 2.12 25.95 4.56
C LEU A 102 1.21 25.87 3.34
N ASP A 103 1.34 26.87 2.45
CA ASP A 103 0.74 26.81 1.12
C ASP A 103 1.54 25.84 0.26
N ARG A 104 0.89 25.31 -0.78
CA ARG A 104 1.50 24.36 -1.73
C ARG A 104 2.81 24.90 -2.32
N ASP A 105 2.77 26.14 -2.81
CA ASP A 105 3.93 26.80 -3.45
C ASP A 105 5.16 27.04 -2.55
N GLU A 106 4.96 27.07 -1.24
CA GLU A 106 6.06 27.23 -0.27
C GLU A 106 7.04 26.05 -0.23
N GLY A 107 6.58 24.88 -0.66
CA GLY A 107 7.45 23.72 -0.86
C GLY A 107 8.53 23.85 -1.94
N LYS A 108 8.46 24.91 -2.76
CA LYS A 108 9.51 25.23 -3.75
C LYS A 108 10.91 25.46 -3.16
N CYS A 109 10.98 25.95 -1.91
CA CYS A 109 12.27 26.23 -1.26
C CYS A 109 13.08 24.99 -0.86
N VAL A 110 12.39 23.87 -0.61
CA VAL A 110 13.05 22.58 -0.34
C VAL A 110 13.04 21.74 -1.61
N GLU A 111 14.23 21.30 -2.05
CA GLU A 111 14.39 20.46 -3.25
C GLU A 111 13.70 19.11 -3.07
N GLY A 112 12.86 18.74 -4.04
CA GLY A 112 12.19 17.44 -4.07
C GLY A 112 10.90 17.31 -3.26
N ILE A 113 10.65 18.21 -2.32
CA ILE A 113 9.50 18.11 -1.40
C ILE A 113 8.16 18.46 -2.08
N LEU A 114 8.20 19.32 -3.10
CA LEU A 114 6.98 19.83 -3.76
C LEU A 114 6.12 18.72 -4.38
N GLU A 115 6.80 17.74 -4.99
CA GLU A 115 6.15 16.56 -5.54
C GLU A 115 5.39 15.77 -4.46
N ILE A 116 5.99 15.66 -3.26
CA ILE A 116 5.37 15.00 -2.09
C ILE A 116 4.18 15.80 -1.56
N PHE A 117 4.32 17.13 -1.46
CA PHE A 117 3.22 18.05 -1.10
C PHE A 117 1.99 17.85 -2.00
N ASP A 118 2.23 17.75 -3.30
CA ASP A 118 1.17 17.51 -4.29
C ASP A 118 0.47 16.16 -4.10
N MET A 119 1.24 15.11 -3.80
CA MET A 119 0.67 13.80 -3.45
C MET A 119 -0.21 13.90 -2.20
N LEU A 120 0.30 14.57 -1.17
CA LEU A 120 -0.42 14.79 0.08
C LEU A 120 -1.71 15.59 -0.12
N LEU A 121 -1.61 16.69 -0.88
CA LEU A 121 -2.77 17.54 -1.20
C LEU A 121 -3.80 16.81 -2.07
N ALA A 122 -3.32 16.12 -3.11
CA ALA A 122 -4.18 15.34 -4.01
C ALA A 122 -4.93 14.24 -3.28
N THR A 123 -4.25 13.51 -2.40
CA THR A 123 -4.88 12.46 -1.58
C THR A 123 -5.84 13.06 -0.54
N THR A 124 -5.45 14.19 0.08
CA THR A 124 -6.33 14.94 0.99
C THR A 124 -7.64 15.37 0.30
N SER A 125 -7.53 15.84 -0.94
CA SER A 125 -8.70 16.26 -1.74
C SER A 125 -9.70 15.13 -2.01
N ARG A 126 -9.18 13.92 -2.24
CA ARG A 126 -10.03 12.72 -2.41
C ARG A 126 -10.77 12.40 -1.10
N PHE A 127 -10.08 12.51 0.03
CA PHE A 127 -10.70 12.37 1.35
C PHE A 127 -11.77 13.43 1.64
N ARG A 128 -11.52 14.68 1.23
CA ARG A 128 -12.53 15.76 1.31
C ARG A 128 -13.75 15.45 0.42
N GLU A 129 -13.49 15.04 -0.82
CA GLU A 129 -14.53 14.60 -1.77
C GLU A 129 -15.44 13.49 -1.20
N LEU A 130 -14.84 12.53 -0.52
CA LEU A 130 -15.58 11.46 0.18
C LEU A 130 -16.24 11.89 1.50
N LYS A 131 -15.92 13.08 1.98
CA LYS A 131 -16.40 13.63 3.27
C LYS A 131 -16.00 12.71 4.43
N LEU A 132 -14.70 12.43 4.53
CA LEU A 132 -14.16 11.58 5.59
C LEU A 132 -14.60 12.14 6.94
N GLN A 133 -15.22 11.28 7.75
CA GLN A 133 -15.65 11.66 9.09
C GLN A 133 -14.53 11.40 10.09
N HIS A 134 -14.57 12.14 11.20
CA HIS A 134 -13.53 12.07 12.24
C HIS A 134 -13.37 10.66 12.81
N LYS A 135 -14.50 9.99 13.06
CA LYS A 135 -14.49 8.61 13.60
C LYS A 135 -14.05 7.55 12.57
N GLU A 136 -14.30 7.80 11.29
CA GLU A 136 -13.73 6.99 10.21
C GLU A 136 -12.22 7.15 10.16
N TYR A 137 -11.78 8.41 10.26
CA TYR A 137 -10.34 8.77 10.34
C TYR A 137 -9.61 8.05 11.48
N LEU A 138 -10.23 8.03 12.67
CA LEU A 138 -9.63 7.37 13.85
C LEU A 138 -9.39 5.87 13.64
N CYS A 139 -10.41 5.19 13.13
CA CYS A 139 -10.31 3.75 12.83
C CYS A 139 -9.24 3.46 11.77
N VAL A 140 -9.27 4.22 10.68
CA VAL A 140 -8.32 4.07 9.57
C VAL A 140 -6.87 4.27 9.99
N LYS A 141 -6.61 5.31 10.78
CA LYS A 141 -5.27 5.59 11.32
C LYS A 141 -4.74 4.43 12.19
N ALA A 142 -5.62 3.91 13.05
CA ALA A 142 -5.31 2.72 13.86
C ALA A 142 -5.08 1.47 12.99
N MET A 143 -5.83 1.35 11.89
CA MET A 143 -5.64 0.25 10.92
C MET A 143 -4.29 0.32 10.20
N ILE A 144 -3.82 1.52 9.89
CA ILE A 144 -2.48 1.74 9.32
C ILE A 144 -1.39 1.15 10.24
N LEU A 145 -1.45 1.50 11.52
CA LEU A 145 -0.51 0.95 12.52
C LEU A 145 -0.55 -0.58 12.55
N LEU A 146 -1.75 -1.11 12.75
CA LEU A 146 -1.93 -2.54 13.02
C LEU A 146 -1.77 -3.46 11.79
N ASN A 147 -2.06 -2.94 10.60
CA ASN A 147 -1.85 -3.69 9.34
C ASN A 147 -0.46 -3.52 8.70
N SER A 148 0.43 -2.75 9.32
CA SER A 148 1.77 -2.48 8.78
C SER A 148 2.71 -3.67 8.90
N SER A 149 3.88 -3.54 8.25
CA SER A 149 4.97 -4.53 8.28
C SER A 149 4.55 -5.86 7.64
N ALA A 160 3.57 -15.72 17.74
CA ALA A 160 2.82 -16.94 18.04
C ALA A 160 1.43 -16.59 18.64
N ASP A 161 1.38 -16.30 19.94
CA ASP A 161 0.18 -15.73 20.58
C ASP A 161 0.02 -14.25 20.19
N SER A 162 1.14 -13.57 19.97
CA SER A 162 1.15 -12.15 19.58
C SER A 162 0.53 -11.88 18.21
N SER A 163 0.82 -12.74 17.24
CA SER A 163 0.22 -12.64 15.89
C SER A 163 -1.31 -12.83 15.93
N ARG A 164 -1.79 -13.75 16.76
CA ARG A 164 -3.23 -13.94 17.00
C ARG A 164 -3.89 -12.72 17.63
N LYS A 165 -3.26 -12.20 18.68
CA LYS A 165 -3.68 -10.95 19.34
C LYS A 165 -3.68 -9.77 18.35
N LEU A 166 -2.65 -9.69 17.50
CA LEU A 166 -2.55 -8.64 16.47
C LEU A 166 -3.68 -8.73 15.45
N ALA A 167 -3.88 -9.92 14.89
CA ALA A 167 -4.97 -10.19 13.93
C ALA A 167 -6.34 -9.85 14.51
N HIS A 168 -6.56 -10.30 15.75
CA HIS A 168 -7.80 -10.01 16.50
C HIS A 168 -8.00 -8.50 16.74
N LEU A 169 -6.92 -7.83 17.15
CA LEU A 169 -6.94 -6.38 17.38
C LEU A 169 -7.21 -5.61 16.08
N LEU A 170 -6.55 -6.02 14.99
CA LEU A 170 -6.83 -5.48 13.65
C LEU A 170 -8.28 -5.71 13.21
N ASN A 171 -8.79 -6.92 13.47
CA ASN A 171 -10.19 -7.27 13.19
C ASN A 171 -11.21 -6.38 13.93
N ALA A 172 -10.92 -6.08 15.19
CA ALA A 172 -11.79 -5.23 16.02
C ALA A 172 -11.87 -3.79 15.53
N VAL A 173 -10.73 -3.22 15.13
CA VAL A 173 -10.69 -1.85 14.58
C VAL A 173 -11.40 -1.80 13.23
N THR A 174 -11.23 -2.84 12.41
CA THR A 174 -11.96 -2.98 11.14
C THR A 174 -13.48 -3.06 11.39
N ASP A 175 -13.88 -3.89 12.35
CA ASP A 175 -15.29 -4.00 12.78
C ASP A 175 -15.85 -2.66 13.23
N ALA A 176 -15.03 -1.88 13.94
CA ALA A 176 -15.40 -0.52 14.38
C ALA A 176 -15.64 0.44 13.21
N LEU A 177 -14.78 0.37 12.17
CA LEU A 177 -14.95 1.20 10.96
C LEU A 177 -16.24 0.88 10.20
N VAL A 178 -16.52 -0.42 10.05
CA VAL A 178 -17.78 -0.90 9.45
C VAL A 178 -18.98 -0.38 10.25
N TRP A 179 -18.87 -0.39 11.58
CA TRP A 179 -19.91 0.11 12.48
C TRP A 179 -20.13 1.62 12.36
N VAL A 180 -19.04 2.40 12.28
CA VAL A 180 -19.11 3.87 12.04
C VAL A 180 -19.82 4.17 10.71
N ILE A 181 -19.41 3.46 9.66
CA ILE A 181 -20.02 3.58 8.31
C ILE A 181 -21.51 3.23 8.36
N ALA A 182 -21.87 2.17 9.09
CA ALA A 182 -23.27 1.75 9.25
C ALA A 182 -24.15 2.73 10.02
N LYS A 183 -23.54 3.62 10.80
CA LYS A 183 -24.26 4.72 11.50
C LYS A 183 -24.89 5.74 10.54
N SER A 184 -24.31 5.90 9.34
CA SER A 184 -24.84 6.82 8.31
C SER A 184 -26.21 6.42 7.73
N GLY A 185 -26.57 5.14 7.85
CA GLY A 185 -27.88 4.64 7.40
C GLY A 185 -28.08 4.62 5.89
N ILE A 186 -26.99 4.54 5.15
CA ILE A 186 -27.03 4.38 3.68
C ILE A 186 -27.19 2.89 3.37
N SER A 187 -27.50 2.57 2.11
CA SER A 187 -27.74 1.16 1.71
C SER A 187 -26.49 0.30 1.88
N SER A 188 -26.70 -1.00 2.09
CA SER A 188 -25.60 -1.98 2.28
C SER A 188 -24.61 -2.01 1.10
N GLN A 189 -25.12 -1.80 -0.12
CA GLN A 189 -24.31 -1.52 -1.32
C GLN A 189 -23.36 -0.35 -1.08
N GLN A 190 -23.92 0.78 -0.66
CA GLN A 190 -23.18 2.04 -0.53
C GLN A 190 -22.18 2.07 0.65
N GLN A 191 -22.51 1.35 1.72
CA GLN A 191 -21.59 1.15 2.85
C GLN A 191 -20.33 0.38 2.41
N SER A 192 -20.53 -0.65 1.58
CA SER A 192 -19.43 -1.41 0.99
C SER A 192 -18.58 -0.56 0.04
N MET A 193 -19.23 0.21 -0.82
CA MET A 193 -18.52 1.12 -1.75
C MET A 193 -17.70 2.17 -1.00
N ARG A 194 -18.31 2.76 0.03
CA ARG A 194 -17.62 3.73 0.89
C ARG A 194 -16.42 3.11 1.59
N LEU A 195 -16.61 1.89 2.11
CA LEU A 195 -15.52 1.16 2.77
C LEU A 195 -14.35 0.93 1.80
N ALA A 196 -14.66 0.43 0.61
CA ALA A 196 -13.63 0.22 -0.43
C ALA A 196 -12.94 1.52 -0.82
N ASN A 197 -13.72 2.57 -1.10
CA ASN A 197 -13.18 3.89 -1.45
C ASN A 197 -12.19 4.45 -0.41
N LEU A 198 -12.49 4.27 0.88
CA LEU A 198 -11.61 4.72 1.97
C LEU A 198 -10.33 3.89 2.07
N LEU A 199 -10.46 2.58 2.02
CA LEU A 199 -9.30 1.67 2.08
C LEU A 199 -8.38 1.76 0.85
N MET A 200 -8.96 1.92 -0.33
N MET A 200 -8.95 1.93 -0.33
CA MET A 200 -8.19 2.09 -1.58
CA MET A 200 -8.17 2.06 -1.56
C MET A 200 -7.30 3.34 -1.59
C MET A 200 -7.33 3.35 -1.62
N LEU A 201 -7.75 4.40 -0.89
CA LEU A 201 -6.95 5.63 -0.73
C LEU A 201 -5.67 5.44 0.09
N LEU A 202 -5.63 4.43 0.96
CA LEU A 202 -4.44 4.13 1.78
C LEU A 202 -3.20 3.71 0.99
N SER A 203 -3.42 3.12 -0.19
CA SER A 203 -2.31 2.87 -1.14
C SER A 203 -1.59 4.16 -1.53
N HIS A 204 -2.36 5.22 -1.76
CA HIS A 204 -1.81 6.54 -2.11
C HIS A 204 -1.10 7.21 -0.92
N VAL A 205 -1.59 6.98 0.29
CA VAL A 205 -0.94 7.50 1.52
C VAL A 205 0.37 6.74 1.75
N ARG A 206 0.31 5.41 1.59
CA ARG A 206 1.51 4.56 1.67
C ARG A 206 2.57 4.99 0.65
N HIS A 207 2.12 5.22 -0.58
CA HIS A 207 3.00 5.70 -1.65
C HIS A 207 3.68 7.03 -1.29
N ALA A 208 2.89 7.96 -0.74
CA ALA A 208 3.42 9.23 -0.27
C ALA A 208 4.42 9.05 0.88
N SER A 209 4.16 8.11 1.79
CA SER A 209 5.07 7.82 2.92
C SER A 209 6.41 7.22 2.49
N ASN A 210 6.39 6.34 1.49
CA ASN A 210 7.62 5.79 0.89
C ASN A 210 8.48 6.87 0.22
N LYS A 211 7.84 7.78 -0.51
CA LYS A 211 8.53 8.95 -1.11
C LYS A 211 9.05 9.93 -0.06
N GLY A 212 8.26 10.17 0.98
CA GLY A 212 8.67 11.00 2.11
C GLY A 212 9.86 10.44 2.89
N MET A 213 9.87 9.13 3.10
CA MET A 213 10.98 8.42 3.75
C MET A 213 12.27 8.58 2.93
N GLU A 214 12.19 8.22 1.64
CA GLU A 214 13.30 8.36 0.68
C GLU A 214 13.88 9.78 0.67
N HIS A 215 12.98 10.76 0.57
CA HIS A 215 13.34 12.18 0.57
C HIS A 215 14.04 12.60 1.88
N LEU A 216 13.53 12.16 3.02
CA LEU A 216 14.13 12.46 4.32
C LEU A 216 15.51 11.85 4.50
N LEU A 217 15.66 10.60 4.03
CA LEU A 217 16.97 9.91 4.02
C LEU A 217 18.02 10.66 3.19
N ASN A 218 17.60 11.16 2.03
CA ASN A 218 18.48 11.96 1.16
C ASN A 218 18.91 13.29 1.80
N MET A 219 17.95 13.99 2.43
CA MET A 219 18.23 15.23 3.18
C MET A 219 19.21 15.01 4.36
N LYS A 220 19.13 13.85 4.99
CA LYS A 220 20.03 13.48 6.10
C LYS A 220 21.46 13.20 5.62
N CYS A 221 21.59 12.39 4.56
CA CYS A 221 22.90 12.03 3.99
C CYS A 221 23.63 13.21 3.35
N LYS A 222 22.89 14.04 2.62
CA LYS A 222 23.40 15.29 2.04
C LYS A 222 23.69 16.41 3.06
N ASN A 223 23.35 16.19 4.34
CA ASN A 223 23.57 17.14 5.44
C ASN A 223 22.86 18.50 5.24
N VAL A 224 21.68 18.44 4.62
CA VAL A 224 20.78 19.60 4.49
C VAL A 224 20.18 19.92 5.87
N VAL A 225 19.96 18.88 6.68
CA VAL A 225 19.46 19.04 8.05
C VAL A 225 20.06 17.95 8.98
N PRO A 226 20.36 18.31 10.25
CA PRO A 226 20.60 17.28 11.25
C PRO A 226 19.29 16.82 11.87
N VAL A 227 19.11 15.51 12.04
CA VAL A 227 17.95 14.94 12.72
C VAL A 227 18.42 14.25 14.00
N TYR A 228 17.58 14.30 15.04
CA TYR A 228 17.96 13.87 16.38
C TYR A 228 16.94 12.93 16.99
N ASP A 229 17.32 12.35 18.13
CA ASP A 229 16.39 11.72 19.07
C ASP A 229 15.67 10.52 18.41
N LEU A 230 14.35 10.56 18.35
CA LEU A 230 13.52 9.41 18.00
C LEU A 230 13.42 9.30 16.48
N LEU A 231 13.32 10.46 15.82
CA LEU A 231 13.33 10.54 14.36
C LEU A 231 14.61 9.95 13.78
N LEU A 232 15.77 10.37 14.31
CA LEU A 232 17.08 9.80 13.94
C LEU A 232 17.12 8.27 14.09
N GLU A 233 16.64 7.78 15.22
CA GLU A 233 16.66 6.34 15.53
C GLU A 233 15.77 5.52 14.58
N MET A 234 14.53 5.97 14.42
CA MET A 234 13.58 5.39 13.44
C MET A 234 14.15 5.37 12.02
N LEU A 235 14.86 6.44 11.68
CA LEU A 235 15.42 6.63 10.34
C LEU A 235 16.70 5.81 10.11
N ASN A 236 17.56 5.71 11.13
CA ASN A 236 18.72 4.79 11.10
C ASN A 236 18.31 3.32 10.99
N ALA A 237 17.19 2.97 11.65
CA ALA A 237 16.61 1.62 11.57
C ALA A 237 16.12 1.21 10.17
N HIS A 238 15.61 2.19 9.40
CA HIS A 238 14.90 2.00 8.12
C HIS A 238 13.51 1.43 8.36
N HIS B 1 17.17 0.01 18.74
CA HIS B 1 15.91 0.75 19.09
CA HIS B 1 15.91 0.75 19.09
C HIS B 1 15.83 1.25 20.55
N PRO B 2 16.93 1.83 21.12
CA PRO B 2 16.82 2.15 22.57
C PRO B 2 15.73 3.15 22.98
N LEU B 3 15.61 4.26 22.24
CA LEU B 3 14.62 5.30 22.57
C LEU B 3 13.17 4.84 22.39
N LEU B 4 12.90 4.13 21.29
CA LEU B 4 11.58 3.52 21.05
C LEU B 4 11.17 2.55 22.17
N MET B 5 12.11 1.69 22.59
N MET B 5 12.11 1.70 22.58
CA MET B 5 11.86 0.74 23.69
CA MET B 5 11.93 0.74 23.69
C MET B 5 11.64 1.43 25.03
C MET B 5 11.63 1.44 25.02
N ARG B 6 12.39 2.51 25.30
CA ARG B 6 12.19 3.35 26.51
C ARG B 6 10.78 3.95 26.53
N LEU B 7 10.42 4.62 25.43
CA LEU B 7 9.09 5.24 25.33
C LEU B 7 7.92 4.23 25.29
N LEU B 8 8.18 3.01 24.83
CA LEU B 8 7.20 1.91 24.94
C LEU B 8 7.06 1.36 26.38
N HIS B 9 8.13 1.45 27.18
CA HIS B 9 8.14 0.94 28.56
C HIS B 9 8.01 2.03 29.65
N HIS B 10 8.55 3.22 29.38
CA HIS B 10 8.40 4.37 30.30
C HIS B 10 7.14 5.16 29.94
N PRO B 11 6.27 5.42 30.93
CA PRO B 11 5.17 6.38 30.72
C PRO B 11 5.62 7.84 30.88
N SER B 12 5.01 8.74 30.11
CA SER B 12 5.29 10.18 30.22
C SER B 12 4.17 11.01 29.59
N ASP C 1 -26.26 0.94 -22.55
CA ASP C 1 -25.39 1.64 -21.54
C ASP C 1 -24.09 0.85 -21.25
N ALA C 2 -23.35 1.26 -20.21
CA ALA C 2 -22.04 0.68 -19.89
C ALA C 2 -22.17 -0.67 -19.17
N LEU C 3 -21.02 -1.27 -18.84
CA LEU C 3 -20.98 -2.62 -18.27
C LEU C 3 -21.42 -2.73 -16.79
N SER C 4 -22.23 -3.76 -16.57
CA SER C 4 -22.84 -4.15 -15.30
C SER C 4 -21.85 -5.05 -14.55
N PRO C 5 -22.02 -5.23 -13.21
CA PRO C 5 -21.12 -6.08 -12.42
C PRO C 5 -20.88 -7.46 -13.01
N GLU C 6 -21.95 -8.15 -13.37
CA GLU C 6 -21.89 -9.51 -13.95
C GLU C 6 -21.18 -9.54 -15.30
N GLN C 7 -21.57 -8.62 -16.19
CA GLN C 7 -20.94 -8.47 -17.51
C GLN C 7 -19.44 -8.12 -17.41
N LEU C 8 -19.10 -7.25 -16.44
CA LEU C 8 -17.71 -6.83 -16.23
C LEU C 8 -16.83 -7.97 -15.71
N VAL C 9 -17.34 -8.73 -14.73
CA VAL C 9 -16.67 -9.95 -14.23
C VAL C 9 -16.41 -10.96 -15.36
N LEU C 10 -17.42 -11.16 -16.21
CA LEU C 10 -17.30 -12.07 -17.38
C LEU C 10 -16.24 -11.61 -18.38
N THR C 11 -16.19 -10.30 -18.64
CA THR C 11 -15.16 -9.70 -19.50
C THR C 11 -13.75 -9.87 -18.90
N LEU C 12 -13.62 -9.64 -17.59
CA LEU C 12 -12.35 -9.90 -16.88
C LEU C 12 -11.95 -11.37 -16.91
N LEU C 13 -12.93 -12.25 -16.73
CA LEU C 13 -12.71 -13.70 -16.82
C LEU C 13 -12.17 -14.12 -18.19
N GLU C 14 -12.84 -13.68 -19.26
CA GLU C 14 -12.39 -13.90 -20.65
C GLU C 14 -11.06 -13.20 -20.99
N ALA C 15 -10.81 -12.07 -20.34
CA ALA C 15 -9.56 -11.29 -20.53
C ALA C 15 -8.31 -11.93 -19.91
N GLU C 16 -8.47 -12.92 -19.03
CA GLU C 16 -7.34 -13.56 -18.33
C GLU C 16 -6.25 -13.99 -19.32
N PRO C 17 -4.97 -13.66 -19.02
CA PRO C 17 -3.90 -14.10 -19.92
C PRO C 17 -3.73 -15.62 -19.90
N PRO C 18 -3.19 -16.19 -20.99
CA PRO C 18 -2.97 -17.63 -21.03
C PRO C 18 -1.82 -18.05 -20.10
N HIS C 19 -1.77 -19.34 -19.79
CA HIS C 19 -0.72 -19.88 -18.92
C HIS C 19 0.60 -19.77 -19.69
N VAL C 20 1.58 -19.07 -19.12
CA VAL C 20 2.92 -18.96 -19.71
C VAL C 20 3.68 -20.24 -19.37
N LEU C 21 3.74 -21.16 -20.33
CA LEU C 21 4.38 -22.46 -20.11
C LEU C 21 5.90 -22.29 -20.22
N ILE C 22 6.57 -22.45 -19.08
CA ILE C 22 8.03 -22.47 -18.98
C ILE C 22 8.44 -23.59 -18.03
N SER C 23 9.58 -24.21 -18.31
CA SER C 23 10.07 -25.37 -17.54
C SER C 23 11.32 -25.02 -16.74
N ARG C 24 11.65 -25.91 -15.80
CA ARG C 24 12.90 -25.84 -15.05
C ARG C 24 14.06 -26.19 -15.99
N PRO C 25 15.27 -25.65 -15.71
CA PRO C 25 16.46 -26.18 -16.37
C PRO C 25 16.70 -27.64 -15.99
N SER C 26 17.27 -28.42 -16.92
CA SER C 26 17.71 -29.80 -16.65
C SER C 26 18.68 -29.84 -15.47
N ALA C 27 19.63 -28.90 -15.49
CA ALA C 27 20.56 -28.69 -14.37
C ALA C 27 19.84 -28.15 -13.12
N PRO C 28 20.44 -28.39 -11.93
CA PRO C 28 19.91 -27.75 -10.72
C PRO C 28 20.12 -26.24 -10.72
N PHE C 29 19.22 -25.51 -10.06
CA PHE C 29 19.23 -24.05 -10.09
C PHE C 29 20.46 -23.43 -9.43
N THR C 30 21.12 -22.53 -10.16
CA THR C 30 22.13 -21.62 -9.63
CA THR C 30 22.11 -21.63 -9.58
C THR C 30 21.48 -20.23 -9.50
N GLU C 31 22.19 -19.30 -8.86
CA GLU C 31 21.74 -17.91 -8.75
C GLU C 31 21.39 -17.31 -10.12
N ALA C 32 22.29 -17.53 -11.08
CA ALA C 32 22.16 -17.03 -12.45
C ALA C 32 20.95 -17.59 -13.20
N SER C 33 20.79 -18.92 -13.19
CA SER C 33 19.75 -19.60 -13.97
C SER C 33 18.35 -19.50 -13.38
N MET C 34 18.24 -19.39 -12.06
CA MET C 34 16.95 -19.10 -11.40
C MET C 34 16.48 -17.70 -11.79
N MET C 35 17.36 -16.71 -11.65
CA MET C 35 17.08 -15.34 -12.06
C MET C 35 16.76 -15.21 -13.55
N MET C 36 17.49 -15.94 -14.38
N MET C 36 17.51 -15.94 -14.38
CA MET C 36 17.23 -16.02 -15.82
CA MET C 36 17.25 -16.06 -15.83
C MET C 36 15.84 -16.57 -16.12
C MET C 36 15.84 -16.57 -16.10
N SER C 37 15.47 -17.66 -15.44
CA SER C 37 14.12 -18.27 -15.53
C SER C 37 13.00 -17.32 -15.08
N LEU C 38 13.22 -16.67 -13.95
CA LEU C 38 12.22 -15.75 -13.37
C LEU C 38 12.03 -14.46 -14.19
N THR C 39 13.13 -13.87 -14.66
CA THR C 39 13.08 -12.66 -15.50
C THR C 39 12.53 -12.93 -16.92
N LYS C 40 12.93 -14.07 -17.51
CA LYS C 40 12.38 -14.55 -18.78
C LYS C 40 10.86 -14.75 -18.68
N LEU C 41 10.41 -15.40 -17.60
CA LEU C 41 8.98 -15.56 -17.30
C LEU C 41 8.27 -14.21 -17.17
N ALA C 42 8.84 -13.33 -16.34
CA ALA C 42 8.27 -11.99 -16.07
C ALA C 42 8.10 -11.16 -17.34
N ASP C 43 9.12 -11.14 -18.19
CA ASP C 43 9.07 -10.45 -19.48
C ASP C 43 7.93 -10.97 -20.38
N LYS C 44 7.82 -12.31 -20.49
CA LYS C 44 6.70 -12.96 -21.19
C LYS C 44 5.33 -12.59 -20.62
N GLU C 45 5.23 -12.61 -19.30
CA GLU C 45 4.00 -12.17 -18.60
C GLU C 45 3.73 -10.67 -18.76
N LEU C 46 4.79 -9.87 -18.90
CA LEU C 46 4.68 -8.42 -19.15
C LEU C 46 4.01 -8.16 -20.51
N VAL C 47 4.42 -8.92 -21.53
CA VAL C 47 3.78 -8.90 -22.86
C VAL C 47 2.27 -9.15 -22.74
N HIS C 48 1.91 -10.22 -22.02
CA HIS C 48 0.51 -10.62 -21.82
C HIS C 48 -0.29 -9.68 -20.93
N MET C 49 0.37 -9.07 -19.94
CA MET C 49 -0.26 -8.06 -19.07
C MET C 49 -0.80 -6.86 -19.84
N ILE C 50 -0.05 -6.41 -20.84
CA ILE C 50 -0.48 -5.26 -21.66
C ILE C 50 -1.73 -5.61 -22.46
N SER C 51 -1.74 -6.80 -23.07
CA SER C 51 -2.93 -7.32 -23.77
C SER C 51 -4.13 -7.47 -22.84
N TRP C 52 -3.90 -8.01 -21.63
CA TRP C 52 -4.94 -8.13 -20.60
C TRP C 52 -5.55 -6.76 -20.25
N ALA C 53 -4.69 -5.77 -20.01
CA ALA C 53 -5.11 -4.40 -19.68
C ALA C 53 -5.94 -3.75 -20.79
N LYS C 54 -5.55 -3.98 -22.04
CA LYS C 54 -6.31 -3.48 -23.21
C LYS C 54 -7.73 -4.07 -23.35
N LYS C 55 -7.98 -5.22 -22.74
CA LYS C 55 -9.31 -5.86 -22.72
C LYS C 55 -10.24 -5.42 -21.57
N ILE C 56 -9.70 -4.71 -20.58
CA ILE C 56 -10.52 -4.14 -19.51
C ILE C 56 -11.33 -2.99 -20.12
N PRO C 57 -12.69 -3.07 -20.10
CA PRO C 57 -13.52 -2.06 -20.76
C PRO C 57 -13.19 -0.63 -20.34
N GLY C 58 -12.89 0.23 -21.32
CA GLY C 58 -12.56 1.63 -21.06
C GLY C 58 -11.08 1.97 -20.86
N PHE C 59 -10.22 0.95 -20.75
CA PHE C 59 -8.77 1.19 -20.53
C PHE C 59 -8.11 1.85 -21.73
N VAL C 60 -8.40 1.37 -22.93
CA VAL C 60 -7.88 1.97 -24.17
C VAL C 60 -8.45 3.39 -24.43
N GLU C 61 -9.63 3.67 -23.87
CA GLU C 61 -10.25 5.01 -23.92
C GLU C 61 -9.55 6.04 -23.02
N LEU C 62 -8.79 5.57 -22.04
CA LEU C 62 -7.95 6.46 -21.20
C LEU C 62 -6.89 7.13 -22.05
N SER C 63 -6.37 8.26 -21.56
CA SER C 63 -5.25 8.93 -22.22
C SER C 63 -4.07 7.96 -22.28
N LEU C 64 -3.32 8.04 -23.38
CA LEU C 64 -2.12 7.22 -23.57
C LEU C 64 -1.11 7.39 -22.42
N PHE C 65 -0.97 8.63 -21.95
CA PHE C 65 -0.18 8.98 -20.75
C PHE C 65 -0.60 8.17 -19.52
N ASP C 66 -1.91 8.07 -19.28
CA ASP C 66 -2.44 7.29 -18.14
C ASP C 66 -2.22 5.78 -18.30
N GLN C 67 -2.47 5.26 -19.50
CA GLN C 67 -2.26 3.83 -19.79
C GLN C 67 -0.81 3.39 -19.50
N VAL C 68 0.14 4.23 -19.91
CA VAL C 68 1.57 3.99 -19.67
C VAL C 68 1.91 3.99 -18.17
N ARG C 69 1.55 5.08 -17.49
CA ARG C 69 1.96 5.27 -16.09
C ARG C 69 1.31 4.27 -15.13
N LEU C 70 0.08 3.85 -15.43
CA LEU C 70 -0.61 2.82 -14.64
C LEU C 70 0.09 1.47 -14.72
N LEU C 71 0.41 1.04 -15.94
CA LEU C 71 1.15 -0.24 -16.16
C LEU C 71 2.56 -0.19 -15.58
N GLU C 72 3.27 0.92 -15.84
CA GLU C 72 4.58 1.19 -15.24
C GLU C 72 4.59 1.12 -13.70
N SER C 73 3.53 1.63 -13.08
CA SER C 73 3.42 1.70 -11.61
CA SER C 73 3.42 1.69 -11.61
C SER C 73 3.08 0.36 -10.95
N CYS C 74 2.24 -0.44 -11.63
CA CYS C 74 1.61 -1.62 -11.01
C CYS C 74 2.14 -2.99 -11.41
N TRP C 75 2.97 -3.07 -12.44
CA TRP C 75 3.27 -4.36 -13.11
C TRP C 75 3.82 -5.44 -12.17
N MET C 76 4.79 -5.08 -11.34
CA MET C 76 5.35 -6.04 -10.37
C MET C 76 4.28 -6.58 -9.42
N GLU C 77 3.42 -5.69 -8.91
CA GLU C 77 2.35 -6.08 -7.98
C GLU C 77 1.32 -7.00 -8.64
N VAL C 78 0.92 -6.67 -9.87
CA VAL C 78 0.01 -7.52 -10.67
C VAL C 78 0.63 -8.91 -10.92
N LEU C 79 1.92 -8.92 -11.26
CA LEU C 79 2.71 -10.17 -11.45
C LEU C 79 2.67 -11.02 -10.17
N MET C 80 2.90 -10.36 -9.04
CA MET C 80 2.86 -11.04 -7.74
C MET C 80 1.46 -11.48 -7.34
N MET C 81 0.45 -10.67 -7.63
CA MET C 81 -0.95 -11.07 -7.40
C MET C 81 -1.34 -12.32 -8.20
N GLY C 82 -0.88 -12.39 -9.46
CA GLY C 82 -1.05 -13.57 -10.29
C GLY C 82 -0.37 -14.81 -9.73
N LEU C 83 0.87 -14.65 -9.29
CA LEU C 83 1.63 -15.73 -8.64
C LEU C 83 0.94 -16.32 -7.40
N MET C 84 0.43 -15.44 -6.54
CA MET C 84 -0.24 -15.86 -5.30
C MET C 84 -1.52 -16.64 -5.58
N TRP C 85 -2.30 -16.18 -6.55
CA TRP C 85 -3.50 -16.92 -6.99
C TRP C 85 -3.18 -18.33 -7.50
N ARG C 86 -2.19 -18.41 -8.41
CA ARG C 86 -1.68 -19.71 -8.90
C ARG C 86 -1.17 -20.61 -7.76
N SER C 87 -0.59 -20.01 -6.72
CA SER C 87 -0.03 -20.74 -5.58
C SER C 87 -0.98 -20.95 -4.38
N ILE C 88 -2.20 -20.43 -4.46
CA ILE C 88 -3.12 -20.36 -3.29
C ILE C 88 -3.44 -21.72 -2.65
N ASP C 89 -3.61 -22.75 -3.48
CA ASP C 89 -3.95 -24.11 -3.00
C ASP C 89 -2.72 -25.03 -2.82
N HIS C 90 -1.52 -24.44 -2.71
CA HIS C 90 -0.26 -25.22 -2.64
C HIS C 90 0.70 -24.64 -1.59
N PRO C 91 0.43 -24.90 -0.29
CA PRO C 91 1.25 -24.39 0.82
C PRO C 91 2.74 -24.76 0.72
N GLY C 92 3.61 -23.79 1.01
CA GLY C 92 5.06 -23.98 0.94
C GLY C 92 5.69 -23.82 -0.44
N LYS C 93 4.88 -23.62 -1.47
CA LYS C 93 5.35 -23.57 -2.88
C LYS C 93 4.90 -22.30 -3.60
N LEU C 94 5.71 -21.91 -4.60
CA LEU C 94 5.38 -20.80 -5.49
C LEU C 94 5.28 -21.32 -6.93
N ILE C 95 4.05 -21.33 -7.45
CA ILE C 95 3.75 -21.81 -8.81
C ILE C 95 3.91 -20.64 -9.77
N PHE C 96 5.17 -20.36 -10.09
CA PHE C 96 5.56 -19.35 -11.09
C PHE C 96 4.96 -19.67 -12.46
N ALA C 97 5.09 -20.93 -12.86
CA ALA C 97 4.40 -21.49 -14.04
C ALA C 97 3.99 -22.95 -13.76
N PRO C 98 3.10 -23.54 -14.59
CA PRO C 98 2.67 -24.93 -14.39
C PRO C 98 3.81 -25.97 -14.30
N ASP C 99 4.85 -25.78 -15.10
CA ASP C 99 6.07 -26.61 -15.06
C ASP C 99 7.23 -25.98 -14.26
N LEU C 100 7.10 -24.71 -13.85
CA LEU C 100 8.05 -24.03 -12.95
C LEU C 100 7.47 -23.83 -11.55
N VAL C 101 7.61 -24.87 -10.72
CA VAL C 101 7.11 -24.89 -9.34
C VAL C 101 8.31 -24.93 -8.39
N LEU C 102 8.50 -23.85 -7.63
CA LEU C 102 9.61 -23.74 -6.67
C LEU C 102 9.13 -23.93 -5.24
N ASP C 103 9.85 -24.76 -4.49
CA ASP C 103 9.70 -24.83 -3.04
C ASP C 103 10.34 -23.61 -2.40
N ARG C 104 9.88 -23.28 -1.19
CA ARG C 104 10.38 -22.12 -0.42
C ARG C 104 11.91 -22.14 -0.27
N ASP C 105 12.45 -23.29 0.12
CA ASP C 105 13.90 -23.46 0.36
C ASP C 105 14.80 -23.30 -0.88
N GLU C 106 14.24 -23.48 -2.07
CA GLU C 106 15.00 -23.30 -3.33
C GLU C 106 15.44 -21.85 -3.60
N GLY C 107 14.75 -20.89 -2.99
CA GLY C 107 15.17 -19.49 -2.99
C GLY C 107 16.51 -19.18 -2.30
N LYS C 108 17.05 -20.15 -1.55
CA LYS C 108 18.39 -20.03 -0.95
C LYS C 108 19.54 -19.80 -1.94
N CYS C 109 19.40 -20.29 -3.17
CA CYS C 109 20.45 -20.15 -4.19
C CYS C 109 20.61 -18.72 -4.74
N VAL C 110 19.54 -17.92 -4.72
CA VAL C 110 19.60 -16.50 -5.11
C VAL C 110 19.67 -15.64 -3.84
N GLU C 111 20.71 -14.80 -3.75
CA GLU C 111 20.92 -13.89 -2.61
C GLU C 111 19.77 -12.88 -2.51
N GLY C 112 19.19 -12.77 -1.31
CA GLY C 112 18.15 -11.79 -1.01
C GLY C 112 16.72 -12.16 -1.39
N ILE C 113 16.53 -13.14 -2.26
CA ILE C 113 15.20 -13.50 -2.78
C ILE C 113 14.34 -14.26 -1.75
N LEU C 114 14.97 -14.99 -0.83
CA LEU C 114 14.27 -15.86 0.13
C LEU C 114 13.30 -15.09 1.03
N GLU C 115 13.75 -13.91 1.46
CA GLU C 115 12.94 -12.98 2.24
C GLU C 115 11.66 -12.57 1.48
N ILE C 116 11.79 -12.33 0.17
CA ILE C 116 10.65 -12.00 -0.71
C ILE C 116 9.71 -13.19 -0.91
N PHE C 117 10.28 -14.39 -1.12
CA PHE C 117 9.52 -15.64 -1.19
C PHE C 117 8.62 -15.84 0.04
N ASP C 118 9.19 -15.60 1.22
CA ASP C 118 8.47 -15.68 2.51
C ASP C 118 7.31 -14.67 2.60
N MET C 119 7.54 -13.44 2.14
CA MET C 119 6.47 -12.42 2.05
C MET C 119 5.34 -12.90 1.12
N LEU C 120 5.73 -13.40 -0.05
CA LEU C 120 4.78 -13.93 -1.04
C LEU C 120 3.98 -15.12 -0.50
N LEU C 121 4.68 -16.07 0.13
CA LEU C 121 4.03 -17.25 0.73
C LEU C 121 3.14 -16.89 1.92
N ALA C 122 3.64 -16.01 2.79
CA ALA C 122 2.87 -15.53 3.95
C ALA C 122 1.59 -14.81 3.54
N THR C 123 1.69 -13.93 2.54
CA THR C 123 0.51 -13.23 2.00
C THR C 123 -0.44 -14.19 1.26
N THR C 124 0.11 -15.13 0.50
CA THR C 124 -0.69 -16.19 -0.15
C THR C 124 -1.49 -17.01 0.88
N SER C 125 -0.86 -17.34 2.00
CA SER C 125 -1.50 -18.10 3.09
C SER C 125 -2.70 -17.37 3.71
N ARG C 126 -2.60 -16.04 3.85
CA ARG C 126 -3.72 -15.21 4.32
C ARG C 126 -4.88 -15.24 3.33
N PHE C 127 -4.56 -15.18 2.03
CA PHE C 127 -5.57 -15.33 0.96
C PHE C 127 -6.24 -16.71 0.95
N ARG C 128 -5.45 -17.77 1.20
CA ARG C 128 -6.00 -19.13 1.36
C ARG C 128 -6.91 -19.23 2.59
N GLU C 129 -6.45 -18.68 3.72
CA GLU C 129 -7.26 -18.57 4.96
C GLU C 129 -8.61 -17.89 4.75
N LEU C 130 -8.62 -16.81 3.97
CA LEU C 130 -9.86 -16.11 3.58
C LEU C 130 -10.70 -16.82 2.52
N LYS C 131 -10.14 -17.86 1.88
CA LYS C 131 -10.77 -18.60 0.78
C LYS C 131 -11.08 -17.67 -0.40
N LEU C 132 -10.05 -16.96 -0.86
CA LEU C 132 -10.18 -16.04 -2.00
C LEU C 132 -10.78 -16.79 -3.18
N GLN C 133 -11.86 -16.24 -3.73
CA GLN C 133 -12.53 -16.82 -4.89
C GLN C 133 -11.92 -16.25 -6.17
N HIS C 134 -12.02 -17.01 -7.25
CA HIS C 134 -11.44 -16.65 -8.55
C HIS C 134 -11.96 -15.31 -9.06
N LYS C 135 -13.27 -15.07 -8.93
CA LYS C 135 -13.90 -13.82 -9.35
C LYS C 135 -13.58 -12.61 -8.46
N GLU C 136 -13.34 -12.86 -7.17
CA GLU C 136 -12.79 -11.85 -6.27
C GLU C 136 -11.37 -11.47 -6.70
N TYR C 137 -10.57 -12.50 -6.97
CA TYR C 137 -9.20 -12.34 -7.51
C TYR C 137 -9.14 -11.47 -8.77
N LEU C 138 -10.05 -11.72 -9.72
CA LEU C 138 -10.10 -10.98 -10.99
C LEU C 138 -10.34 -9.48 -10.77
N CYS C 139 -11.34 -9.16 -9.95
CA CYS C 139 -11.66 -7.77 -9.61
C CYS C 139 -10.50 -7.06 -8.91
N VAL C 140 -9.94 -7.72 -7.91
CA VAL C 140 -8.80 -7.19 -7.12
C VAL C 140 -7.57 -6.90 -7.98
N LYS C 141 -7.23 -7.83 -8.87
CA LYS C 141 -6.09 -7.64 -9.80
C LYS C 141 -6.30 -6.43 -10.71
N ALA C 142 -7.51 -6.29 -11.24
CA ALA C 142 -7.89 -5.11 -12.04
C ALA C 142 -7.87 -3.81 -11.21
N MET C 143 -8.24 -3.90 -9.93
CA MET C 143 -8.16 -2.76 -9.00
C MET C 143 -6.72 -2.31 -8.71
N ILE C 144 -5.79 -3.27 -8.65
CA ILE C 144 -4.35 -2.97 -8.50
C ILE C 144 -3.87 -2.08 -9.67
N LEU C 145 -4.18 -2.50 -10.89
CA LEU C 145 -3.84 -1.73 -12.11
C LEU C 145 -4.41 -0.31 -12.03
N LEU C 146 -5.73 -0.23 -11.83
CA LEU C 146 -6.47 1.04 -11.96
C LEU C 146 -6.27 2.01 -10.79
N ASN C 147 -6.00 1.50 -9.60
CA ASN C 147 -5.70 2.34 -8.42
C ASN C 147 -4.21 2.69 -8.23
N SER C 148 -3.34 2.25 -9.14
CA SER C 148 -1.90 2.50 -9.03
C SER C 148 -1.52 3.94 -9.36
N SER C 149 -0.26 4.29 -9.11
CA SER C 149 0.30 5.62 -9.42
C SER C 149 -0.34 6.74 -8.58
N MET C 150 -0.13 8.00 -8.99
CA MET C 150 -0.54 9.18 -8.21
C MET C 150 -1.91 9.68 -8.66
N ALA C 160 -8.41 16.39 -18.04
CA ALA C 160 -9.13 15.83 -16.89
C ALA C 160 -10.26 14.86 -17.25
N ASP C 161 -10.55 14.67 -18.55
CA ASP C 161 -11.48 13.64 -19.02
C ASP C 161 -10.97 12.22 -18.72
N SER C 162 -9.67 12.02 -18.90
CA SER C 162 -9.04 10.71 -18.61
C SER C 162 -9.09 10.33 -17.13
N SER C 163 -8.85 11.30 -16.25
CA SER C 163 -8.94 11.07 -14.79
C SER C 163 -10.37 10.71 -14.35
N ARG C 164 -11.37 11.36 -14.95
CA ARG C 164 -12.79 11.02 -14.74
C ARG C 164 -13.14 9.61 -15.20
N LYS C 165 -12.72 9.29 -16.43
CA LYS C 165 -12.85 7.93 -16.99
C LYS C 165 -12.14 6.88 -16.11
N LEU C 166 -10.95 7.22 -15.62
CA LEU C 166 -10.18 6.32 -14.72
C LEU C 166 -10.91 6.06 -13.41
N ALA C 167 -11.34 7.15 -12.76
CA ALA C 167 -12.11 7.07 -11.49
C ALA C 167 -13.39 6.24 -11.66
N HIS C 168 -14.11 6.51 -12.76
CA HIS C 168 -15.33 5.77 -13.11
C HIS C 168 -15.06 4.29 -13.36
N LEU C 169 -13.99 4.00 -14.11
CA LEU C 169 -13.57 2.63 -14.39
C LEU C 169 -13.14 1.89 -13.11
N LEU C 170 -12.38 2.56 -12.26
CA LEU C 170 -12.03 2.03 -10.93
C LEU C 170 -13.27 1.78 -10.06
N ASN C 171 -14.22 2.70 -10.10
CA ASN C 171 -15.51 2.56 -9.38
C ASN C 171 -16.32 1.34 -9.83
N ALA C 172 -16.34 1.08 -11.14
CA ALA C 172 -17.07 -0.06 -11.73
C ALA C 172 -16.48 -1.42 -11.32
N VAL C 173 -15.16 -1.52 -11.30
CA VAL C 173 -14.47 -2.75 -10.86
C VAL C 173 -14.68 -2.98 -9.36
N THR C 174 -14.65 -1.90 -8.58
CA THR C 174 -14.98 -1.95 -7.15
C THR C 174 -16.42 -2.42 -6.92
N ASP C 175 -17.36 -1.83 -7.67
CA ASP C 175 -18.77 -2.25 -7.65
C ASP C 175 -18.94 -3.73 -7.99
N ALA C 176 -18.16 -4.21 -8.96
CA ALA C 176 -18.14 -5.63 -9.33
C ALA C 176 -17.66 -6.55 -8.19
N LEU C 177 -16.62 -6.13 -7.46
CA LEU C 177 -16.11 -6.90 -6.31
C LEU C 177 -17.14 -7.00 -5.18
N VAL C 178 -17.80 -5.87 -4.88
CA VAL C 178 -18.91 -5.82 -3.91
C VAL C 178 -20.04 -6.78 -4.33
N TRP C 179 -20.32 -6.80 -5.63
CA TRP C 179 -21.36 -7.69 -6.20
C TRP C 179 -20.98 -9.18 -6.11
N VAL C 180 -19.72 -9.52 -6.39
CA VAL C 180 -19.20 -10.91 -6.23
C VAL C 180 -19.32 -11.37 -4.76
N ILE C 181 -18.89 -10.49 -3.84
CA ILE C 181 -18.99 -10.74 -2.40
C ILE C 181 -20.45 -10.93 -1.96
N ALA C 182 -21.36 -10.10 -2.50
CA ALA C 182 -22.80 -10.21 -2.22
C ALA C 182 -23.47 -11.49 -2.73
N LYS C 183 -22.85 -12.15 -3.72
CA LYS C 183 -23.30 -13.47 -4.22
C LYS C 183 -23.23 -14.59 -3.17
N SER C 184 -22.30 -14.47 -2.22
CA SER C 184 -22.14 -15.46 -1.13
C SER C 184 -23.32 -15.53 -0.14
N GLY C 185 -24.12 -14.46 -0.08
CA GLY C 185 -25.33 -14.43 0.77
C GLY C 185 -25.07 -14.39 2.27
N ILE C 186 -23.89 -13.89 2.66
CA ILE C 186 -23.55 -13.67 4.07
C ILE C 186 -24.12 -12.32 4.51
N SER C 187 -24.14 -12.06 5.81
CA SER C 187 -24.71 -10.81 6.34
C SER C 187 -23.96 -9.57 5.85
N SER C 188 -24.66 -8.44 5.78
CA SER C 188 -24.08 -7.15 5.33
C SER C 188 -22.86 -6.70 6.16
N GLN C 189 -22.89 -7.02 7.45
CA GLN C 189 -21.71 -6.92 8.34
C GLN C 189 -20.52 -7.72 7.77
N GLN C 190 -20.74 -8.99 7.47
CA GLN C 190 -19.68 -9.92 7.06
C GLN C 190 -19.15 -9.66 5.65
N GLN C 191 -20.00 -9.15 4.76
CA GLN C 191 -19.60 -8.71 3.41
C GLN C 191 -18.62 -7.53 3.50
N SER C 192 -18.91 -6.59 4.40
CA SER C 192 -18.02 -5.46 4.67
C SER C 192 -16.68 -5.91 5.27
N MET C 193 -16.73 -6.81 6.25
CA MET C 193 -15.51 -7.36 6.88
C MET C 193 -14.65 -8.09 5.86
N ARG C 194 -15.28 -8.92 5.03
CA ARG C 194 -14.59 -9.63 3.95
C ARG C 194 -13.95 -8.67 2.96
N LEU C 195 -14.69 -7.62 2.59
CA LEU C 195 -14.19 -6.60 1.67
C LEU C 195 -12.94 -5.93 2.25
N ALA C 196 -13.02 -5.49 3.51
CA ALA C 196 -11.89 -4.89 4.21
C ALA C 196 -10.69 -5.84 4.29
N ASN C 197 -10.94 -7.07 4.75
CA ASN C 197 -9.88 -8.11 4.83
C ASN C 197 -9.12 -8.34 3.52
N LEU C 198 -9.84 -8.35 2.40
CA LEU C 198 -9.23 -8.52 1.06
C LEU C 198 -8.40 -7.31 0.64
N LEU C 199 -8.96 -6.12 0.79
CA LEU C 199 -8.27 -4.87 0.44
C LEU C 199 -7.05 -4.55 1.32
N MET C 200 -7.16 -4.85 2.61
N MET C 200 -7.15 -4.85 2.61
CA MET C 200 -6.04 -4.66 3.56
CA MET C 200 -6.04 -4.63 3.55
C MET C 200 -4.82 -5.53 3.24
C MET C 200 -4.82 -5.55 3.27
N LEU C 201 -5.06 -6.71 2.66
CA LEU C 201 -3.96 -7.59 2.18
C LEU C 201 -3.14 -7.02 1.02
N LEU C 202 -3.72 -6.11 0.25
CA LEU C 202 -3.02 -5.46 -0.87
C LEU C 202 -1.82 -4.59 -0.46
N SER C 203 -1.86 -4.05 0.75
CA SER C 203 -0.69 -3.36 1.34
C SER C 203 0.52 -4.29 1.43
N HIS C 204 0.27 -5.55 1.81
CA HIS C 204 1.32 -6.58 1.90
C HIS C 204 1.84 -7.02 0.53
N VAL C 205 0.96 -7.05 -0.47
CA VAL C 205 1.35 -7.37 -1.86
C VAL C 205 2.18 -6.23 -2.42
N ARG C 206 1.73 -4.99 -2.18
CA ARG C 206 2.47 -3.79 -2.57
C ARG C 206 3.85 -3.76 -1.95
N HIS C 207 3.91 -4.06 -0.65
CA HIS C 207 5.18 -4.15 0.08
C HIS C 207 6.13 -5.17 -0.54
N ALA C 208 5.60 -6.34 -0.88
CA ALA C 208 6.36 -7.38 -1.56
C ALA C 208 6.85 -6.93 -2.95
N SER C 209 6.01 -6.19 -3.69
CA SER C 209 6.38 -5.66 -5.02
C SER C 209 7.49 -4.60 -4.96
N ASN C 210 7.45 -3.73 -3.96
CA ASN C 210 8.54 -2.76 -3.73
C ASN C 210 9.88 -3.43 -3.40
N LYS C 211 9.86 -4.47 -2.56
CA LYS C 211 11.05 -5.28 -2.27
C LYS C 211 11.55 -6.08 -3.48
N GLY C 212 10.62 -6.64 -4.25
CA GLY C 212 10.93 -7.33 -5.49
C GLY C 212 11.56 -6.44 -6.56
N MET C 213 11.04 -5.21 -6.69
CA MET C 213 11.61 -4.21 -7.60
C MET C 213 13.04 -3.86 -7.21
N GLU C 214 13.23 -3.48 -5.94
CA GLU C 214 14.55 -3.17 -5.37
C GLU C 214 15.56 -4.30 -5.61
N HIS C 215 15.13 -5.52 -5.31
CA HIS C 215 15.95 -6.72 -5.49
C HIS C 215 16.33 -6.95 -6.96
N LEU C 216 15.37 -6.77 -7.87
CA LEU C 216 15.62 -6.93 -9.31
C LEU C 216 16.58 -5.86 -9.85
N LEU C 217 16.42 -4.63 -9.40
CA LEU C 217 17.35 -3.53 -9.74
C LEU C 217 18.78 -3.82 -9.31
N ASN C 218 18.94 -4.37 -8.10
CA ASN C 218 20.26 -4.76 -7.57
C ASN C 218 20.91 -5.89 -8.38
N MET C 219 20.13 -6.91 -8.73
CA MET C 219 20.58 -8.01 -9.61
C MET C 219 21.02 -7.54 -11.00
N LYS C 220 20.34 -6.51 -11.52
CA LYS C 220 20.70 -5.91 -12.83
C LYS C 220 22.01 -5.13 -12.78
N CYS C 221 22.16 -4.27 -11.76
CA CYS C 221 23.36 -3.44 -11.60
C CYS C 221 24.62 -4.25 -11.28
N LYS C 222 24.46 -5.26 -10.40
CA LYS C 222 25.54 -6.21 -10.07
C LYS C 222 25.88 -7.20 -11.19
N ASN C 223 25.12 -7.19 -12.30
CA ASN C 223 25.31 -8.08 -13.46
C ASN C 223 25.21 -9.58 -13.13
N VAL C 224 24.33 -9.90 -12.19
CA VAL C 224 23.97 -11.29 -11.86
C VAL C 224 23.14 -11.88 -13.02
N VAL C 225 22.33 -11.03 -13.66
CA VAL C 225 21.54 -11.41 -14.82
C VAL C 225 21.41 -10.25 -15.82
N PRO C 226 21.42 -10.54 -17.14
CA PRO C 226 20.98 -9.55 -18.12
C PRO C 226 19.46 -9.63 -18.29
N VAL C 227 18.81 -8.46 -18.32
CA VAL C 227 17.37 -8.38 -18.59
C VAL C 227 17.17 -7.64 -19.92
N TYR C 228 16.12 -8.04 -20.65
CA TYR C 228 15.91 -7.58 -22.03
C TYR C 228 14.48 -7.09 -22.26
N ASP C 229 14.28 -6.48 -23.41
CA ASP C 229 12.97 -6.27 -24.01
C ASP C 229 12.10 -5.36 -23.10
N LEU C 230 10.95 -5.85 -22.64
CA LEU C 230 9.93 -5.03 -22.00
C LEU C 230 10.25 -4.90 -20.52
N LEU C 231 10.77 -5.97 -19.92
CA LEU C 231 11.24 -5.96 -18.53
C LEU C 231 12.35 -4.94 -18.32
N LEU C 232 13.36 -4.95 -19.20
CA LEU C 232 14.44 -3.94 -19.23
C LEU C 232 13.90 -2.50 -19.29
N GLU C 233 12.96 -2.26 -20.19
CA GLU C 233 12.38 -0.93 -20.42
C GLU C 233 11.60 -0.44 -19.20
N MET C 234 10.69 -1.28 -18.70
CA MET C 234 9.95 -1.00 -17.45
C MET C 234 10.87 -0.71 -16.27
N LEU C 235 11.98 -1.44 -16.21
CA LEU C 235 12.94 -1.36 -15.12
C LEU C 235 13.86 -0.12 -15.23
N ASN C 236 14.29 0.21 -16.46
CA ASN C 236 15.00 1.48 -16.73
C ASN C 236 14.14 2.72 -16.42
N ALA C 237 12.84 2.62 -16.68
CA ALA C 237 11.88 3.69 -16.37
C ALA C 237 11.73 3.97 -14.87
N HIS C 238 11.86 2.92 -14.04
CA HIS C 238 11.58 2.92 -12.58
C HIS C 238 10.09 2.85 -12.32
N HIS D 1 9.75 4.92 -23.53
CA HIS D 1 8.72 3.82 -23.43
CA HIS D 1 8.71 3.83 -23.43
C HIS D 1 8.36 3.22 -24.81
N PRO D 2 9.36 3.00 -25.71
CA PRO D 2 8.96 2.57 -27.07
C PRO D 2 8.20 1.23 -27.16
N LEU D 3 8.71 0.19 -26.49
CA LEU D 3 8.09 -1.15 -26.54
C LEU D 3 6.71 -1.19 -25.86
N LEU D 4 6.57 -0.50 -24.74
CA LEU D 4 5.25 -0.35 -24.07
C LEU D 4 4.23 0.39 -24.94
N MET D 5 4.67 1.42 -25.66
CA MET D 5 3.81 2.16 -26.61
C MET D 5 3.36 1.30 -27.79
N ARG D 6 4.28 0.52 -28.37
CA ARG D 6 3.98 -0.40 -29.48
C ARG D 6 2.91 -1.43 -29.11
N LEU D 7 3.15 -2.14 -28.01
CA LEU D 7 2.22 -3.17 -27.52
C LEU D 7 0.86 -2.60 -27.03
N LEU D 8 0.83 -1.32 -26.64
CA LEU D 8 -0.43 -0.62 -26.34
C LEU D 8 -1.23 -0.22 -27.59
N HIS D 9 -0.55 -0.06 -28.74
CA HIS D 9 -1.20 0.35 -30.01
C HIS D 9 -1.37 -0.76 -31.05
N HIS D 10 -0.44 -1.73 -31.08
CA HIS D 10 -0.49 -2.84 -32.05
C HIS D 10 -1.48 -3.91 -31.60
#